data_6AZT
#
_entry.id   6AZT
#
_cell.length_a   77.030
_cell.length_b   77.030
_cell.length_c   108.171
_cell.angle_alpha   90.00
_cell.angle_beta   90.00
_cell.angle_gamma   120.00
#
_symmetry.space_group_name_H-M   'P 31 2 1'
#
loop_
_entity.id
_entity.type
_entity.pdbx_description
1 polymer 'Asparaginyl endopeptidase 1'
2 polymer 'ALA-ALA-ASN   tetrahedral intermediate'
3 non-polymer GLYCEROL
4 water water
#
loop_
_entity_poly.entity_id
_entity_poly.type
_entity_poly.pdbx_seq_one_letter_code
_entity_poly.pdbx_strand_id
1 'polypeptide(L)'
;MVSRIICFTLVLVTVVALSYGAAGRESSGGQKWRWGWDPLIRSPVDAEQEVDEQMTNGTKWAVLVAGSKGYGNYRHQADV
CHAYQVLKKGGLKDENIVVFMYDDIAKSEMNPRPGIIINSPKGEDVYAGVPKDYTGKNVTVDNLSAVLLGDRSAVKGGSG
KVVDSKPEDRIFLFYS(SNN)HGGPGVLGMPNEPHLVAKDLVDVLKKKHAMGTYKEMVIYLEACESGSIFEGILPEDLNI
YATTASGAQENSYGTYCPGTEPSPPPEYITCLGDLYSVAWMEDSETHNLKKESLEQQFNKVKKRTSNSNTYNTGSHVMEY
GSKDIKPEKVYLYLGFDPATVNLPANQIHFDKLDGVNQRDADLIFLWQRYKKSSESTRPEILREITETLTHRGHLDSSID
MIGVLLFGPQNGRSTLHSARAPGLPLVDDWECFKSTARLFEKHCGLLTQYGMKHMRAFANICNSSVEKSKVEEVFIATCG
GKNIGPYGTFGAYSV
;
A
2 'polypeptide(L)' AA(CE7) B
#
loop_
_chem_comp.id
_chem_comp.type
_chem_comp.name
_chem_comp.formula
GOL non-polymer GLYCEROL 'C3 H8 O3'
#
# COMPACT_ATOMS: atom_id res chain seq x y z
N GLY A 58 0.42 20.87 8.54
CA GLY A 58 -0.56 19.79 8.28
C GLY A 58 -0.04 18.46 8.80
N THR A 59 -0.94 17.50 8.90
CA THR A 59 -0.64 16.15 9.39
C THR A 59 -0.53 15.18 8.21
N LYS A 60 0.41 14.25 8.27
CA LYS A 60 0.50 13.15 7.26
C LYS A 60 -0.31 11.96 7.75
N TRP A 61 -1.18 11.44 6.87
CA TRP A 61 -1.97 10.26 7.18
C TRP A 61 -1.57 9.20 6.20
N ALA A 62 -1.82 7.96 6.59
CA ALA A 62 -1.64 6.86 5.63
C ALA A 62 -2.71 5.79 5.88
N VAL A 63 -3.11 5.11 4.79
CA VAL A 63 -4.01 3.96 4.89
C VAL A 63 -3.30 2.85 4.16
N LEU A 64 -3.13 1.71 4.81
CA LEU A 64 -2.37 0.62 4.22
C LEU A 64 -3.28 -0.56 4.15
N VAL A 65 -3.39 -1.18 2.98
CA VAL A 65 -4.43 -2.21 2.81
C VAL A 65 -3.81 -3.41 2.17
N ALA A 66 -3.89 -4.55 2.84
CA ALA A 66 -3.64 -5.82 2.13
C ALA A 66 -4.98 -6.42 1.72
N GLY A 67 -5.16 -6.63 0.43
CA GLY A 67 -6.48 -7.09 -0.05
C GLY A 67 -6.66 -8.60 -0.10
N SER A 68 -5.73 -9.39 0.45
CA SER A 68 -5.85 -10.83 0.32
C SER A 68 -5.64 -11.50 1.69
N LYS A 69 -5.81 -12.81 1.74
CA LYS A 69 -5.48 -13.56 2.97
C LYS A 69 -4.94 -14.93 2.52
N GLY A 70 -4.47 -15.71 3.51
CA GLY A 70 -3.92 -17.04 3.22
C GLY A 70 -2.43 -17.00 3.12
N TYR A 71 -1.80 -18.06 3.60
CA TYR A 71 -0.34 -18.08 3.62
C TYR A 71 0.32 -17.95 2.25
N GLY A 72 -0.33 -18.46 1.20
CA GLY A 72 0.19 -18.31 -0.15
C GLY A 72 0.26 -16.84 -0.58
N ASN A 73 -0.41 -15.93 0.15
CA ASN A 73 -0.40 -14.48 -0.11
C ASN A 73 0.35 -13.71 0.94
N TYR A 74 1.30 -14.42 1.61
CA TYR A 74 2.17 -13.85 2.65
C TYR A 74 2.66 -12.44 2.20
N ARG A 75 3.11 -12.38 0.97
CA ARG A 75 3.79 -11.18 0.46
C ARG A 75 2.94 -9.90 0.59
N HIS A 76 1.62 -9.98 0.43
CA HIS A 76 0.84 -8.73 0.42
C HIS A 76 0.78 -8.15 1.83
N GLN A 77 0.68 -9.03 2.81
CA GLN A 77 0.68 -8.53 4.20
C GLN A 77 2.09 -8.16 4.68
N ALA A 78 3.10 -8.85 4.19
CA ALA A 78 4.48 -8.48 4.48
C ALA A 78 4.74 -7.07 3.88
N ASP A 79 4.23 -6.82 2.66
CA ASP A 79 4.43 -5.48 2.02
C ASP A 79 3.82 -4.39 2.93
N VAL A 80 2.58 -4.62 3.39
CA VAL A 80 1.85 -3.64 4.19
C VAL A 80 2.55 -3.41 5.54
N CYS A 81 3.02 -4.48 6.17
CA CYS A 81 3.76 -4.35 7.46
C CYS A 81 5.04 -3.55 7.24
N HIS A 82 5.77 -3.85 6.17
CA HIS A 82 6.95 -3.09 5.85
C HIS A 82 6.62 -1.61 5.61
N ALA A 83 5.49 -1.32 4.91
CA ALA A 83 5.13 0.06 4.62
C ALA A 83 4.90 0.79 5.92
N TYR A 84 4.28 0.12 6.88
CA TYR A 84 4.08 0.72 8.22
C TYR A 84 5.46 1.13 8.83
N GLN A 85 6.44 0.20 8.72
CA GLN A 85 7.78 0.45 9.30
C GLN A 85 8.44 1.67 8.65
N VAL A 86 8.30 1.78 7.34
CA VAL A 86 8.86 2.90 6.62
C VAL A 86 8.22 4.21 7.13
N LEU A 87 6.89 4.22 7.27
CA LEU A 87 6.19 5.44 7.68
C LEU A 87 6.57 5.81 9.13
N LYS A 88 6.72 4.78 9.97
CA LYS A 88 7.12 4.99 11.38
C LYS A 88 8.53 5.61 11.43
N LYS A 89 9.46 5.13 10.60
CA LYS A 89 10.82 5.73 10.50
C LYS A 89 10.75 7.15 10.00
N GLY A 90 9.74 7.44 9.19
CA GLY A 90 9.54 8.80 8.67
C GLY A 90 8.84 9.74 9.65
N GLY A 91 8.47 9.25 10.81
CA GLY A 91 7.87 10.11 11.80
C GLY A 91 6.35 10.24 11.76
N LEU A 92 5.66 9.48 10.89
CA LEU A 92 4.16 9.50 10.94
C LEU A 92 3.75 8.87 12.26
N LYS A 93 2.64 9.32 12.84
CA LYS A 93 2.21 8.80 14.14
C LYS A 93 1.26 7.65 13.94
N ASP A 94 1.20 6.72 14.89
CA ASP A 94 0.24 5.64 14.79
C ASP A 94 -1.21 6.08 14.65
N GLU A 95 -1.59 7.19 15.33
N GLU A 95 -1.57 7.19 15.33
CA GLU A 95 -2.96 7.66 15.26
CA GLU A 95 -2.93 7.69 15.26
C GLU A 95 -3.34 8.06 13.83
C GLU A 95 -3.33 8.05 13.83
N ASN A 96 -2.34 8.32 12.98
CA ASN A 96 -2.60 8.74 11.61
C ASN A 96 -2.33 7.65 10.56
N ILE A 97 -1.99 6.44 11.01
CA ILE A 97 -1.71 5.32 10.07
C ILE A 97 -2.78 4.22 10.33
N VAL A 98 -3.66 3.98 9.35
CA VAL A 98 -4.77 3.03 9.52
C VAL A 98 -4.41 1.77 8.73
N VAL A 99 -4.33 0.65 9.43
CA VAL A 99 -3.84 -0.58 8.78
C VAL A 99 -4.97 -1.57 8.60
N PHE A 100 -5.14 -2.05 7.36
CA PHE A 100 -6.08 -3.10 7.02
C PHE A 100 -5.26 -4.34 6.66
N MET A 101 -5.31 -5.38 7.49
CA MET A 101 -4.61 -6.63 7.08
C MET A 101 -5.36 -7.76 7.74
N TYR A 102 -5.54 -8.84 7.01
CA TYR A 102 -6.38 -9.92 7.58
C TYR A 102 -5.77 -10.47 8.88
N ASP A 103 -4.41 -10.52 8.93
CA ASP A 103 -3.66 -10.81 10.13
C ASP A 103 -3.61 -12.30 10.44
N ASP A 104 -3.57 -13.11 9.40
CA ASP A 104 -3.46 -14.56 9.54
C ASP A 104 -2.09 -15.08 9.17
N ILE A 105 -1.07 -14.21 9.14
CA ILE A 105 0.25 -14.63 8.67
C ILE A 105 1.24 -14.84 9.84
N ALA A 106 1.34 -13.87 10.74
CA ALA A 106 2.34 -13.93 11.84
C ALA A 106 2.11 -15.20 12.68
N LYS A 107 0.86 -15.53 13.00
N LYS A 107 0.82 -15.48 12.95
CA LYS A 107 0.67 -16.74 13.80
CA LYS A 107 0.38 -16.64 13.74
C LYS A 107 0.19 -17.94 12.96
C LYS A 107 0.00 -17.86 12.92
N SER A 108 0.38 -17.87 11.64
CA SER A 108 -0.03 -18.93 10.72
C SER A 108 0.60 -20.27 11.13
N GLU A 109 -0.24 -21.31 11.11
CA GLU A 109 0.22 -22.68 11.22
C GLU A 109 1.37 -22.95 10.22
N MET A 110 1.37 -22.29 9.06
CA MET A 110 2.41 -22.53 8.07
C MET A 110 3.62 -21.61 8.21
N ASN A 111 3.58 -20.65 9.13
CA ASN A 111 4.73 -19.70 9.20
C ASN A 111 5.94 -20.42 9.88
N PRO A 112 7.09 -20.51 9.20
CA PRO A 112 8.26 -21.19 9.86
C PRO A 112 8.94 -20.38 10.92
N ARG A 113 8.66 -19.06 11.01
CA ARG A 113 9.13 -18.17 12.08
C ARG A 113 7.92 -17.55 12.80
N PRO A 114 7.31 -18.32 13.76
CA PRO A 114 6.08 -17.87 14.39
C PRO A 114 6.21 -16.47 14.98
N GLY A 115 5.20 -15.62 14.70
CA GLY A 115 5.18 -14.28 15.24
C GLY A 115 5.96 -13.25 14.46
N ILE A 116 6.68 -13.69 13.42
CA ILE A 116 7.57 -12.79 12.66
C ILE A 116 7.09 -12.74 11.23
N ILE A 117 7.20 -11.56 10.62
CA ILE A 117 7.00 -11.43 9.18
C ILE A 117 8.22 -10.68 8.62
N ILE A 118 8.77 -11.14 7.52
CA ILE A 118 9.89 -10.45 6.88
C ILE A 118 9.46 -10.16 5.43
N ASN A 119 10.05 -9.12 4.83
CA ASN A 119 9.63 -8.70 3.49
C ASN A 119 10.88 -8.65 2.59
N SER A 120 12.00 -9.20 3.08
CA SER A 120 13.15 -9.49 2.20
C SER A 120 13.97 -10.60 2.89
N PRO A 121 14.84 -11.27 2.13
CA PRO A 121 15.47 -12.53 2.59
C PRO A 121 16.24 -12.41 3.92
N LYS A 122 16.98 -11.33 4.10
CA LYS A 122 17.63 -11.09 5.39
C LYS A 122 17.07 -9.86 6.08
N GLY A 123 15.77 -9.60 5.88
CA GLY A 123 15.15 -8.43 6.44
C GLY A 123 14.83 -8.60 7.90
N GLU A 124 14.52 -7.47 8.54
CA GLU A 124 14.11 -7.40 9.91
C GLU A 124 12.66 -7.77 9.96
N ASP A 125 12.21 -8.14 11.15
CA ASP A 125 10.82 -8.41 11.38
C ASP A 125 10.07 -7.07 11.12
N VAL A 126 9.03 -7.14 10.28
CA VAL A 126 8.21 -5.96 10.01
C VAL A 126 6.86 -6.04 10.72
N TYR A 127 6.55 -7.16 11.39
CA TYR A 127 5.26 -7.29 12.03
C TYR A 127 5.18 -6.53 13.37
N ALA A 128 6.31 -6.54 14.11
CA ALA A 128 6.31 -5.96 15.46
C ALA A 128 5.95 -4.47 15.40
N GLY A 129 4.98 -4.10 16.21
CA GLY A 129 4.57 -2.71 16.23
C GLY A 129 3.41 -2.34 15.30
N VAL A 130 3.09 -3.17 14.31
CA VAL A 130 2.07 -2.72 13.35
C VAL A 130 0.70 -2.66 14.06
N PRO A 131 -0.03 -1.50 13.97
CA PRO A 131 -1.39 -1.38 14.55
C PRO A 131 -2.39 -2.40 13.97
N LYS A 132 -3.30 -2.90 14.79
CA LYS A 132 -4.30 -3.82 14.28
C LYS A 132 -5.64 -3.09 14.17
N ASP A 133 -5.79 -2.24 13.18
CA ASP A 133 -7.03 -1.42 13.07
C ASP A 133 -8.17 -2.25 12.55
N TYR A 134 -8.00 -2.84 11.35
CA TYR A 134 -9.07 -3.58 10.69
C TYR A 134 -8.44 -4.90 10.31
N THR A 135 -8.78 -5.96 11.04
CA THR A 135 -8.21 -7.27 10.77
C THR A 135 -9.36 -8.30 10.65
N GLY A 136 -9.04 -9.51 10.14
CA GLY A 136 -10.03 -10.59 10.03
C GLY A 136 -11.26 -10.10 9.25
N LYS A 137 -12.43 -10.37 9.78
CA LYS A 137 -13.68 -10.05 9.10
C LYS A 137 -13.93 -8.55 9.00
N ASN A 138 -13.15 -7.72 9.68
CA ASN A 138 -13.31 -6.27 9.57
C ASN A 138 -12.59 -5.63 8.36
N VAL A 139 -11.86 -6.43 7.58
CA VAL A 139 -11.19 -5.88 6.37
C VAL A 139 -12.25 -5.90 5.25
N THR A 140 -13.03 -4.82 5.16
CA THR A 140 -14.17 -4.79 4.24
C THR A 140 -14.17 -3.49 3.45
N VAL A 141 -14.84 -3.53 2.32
CA VAL A 141 -15.03 -2.35 1.48
C VAL A 141 -15.77 -1.27 2.29
N ASP A 142 -16.78 -1.66 3.07
CA ASP A 142 -17.52 -0.69 3.87
C ASP A 142 -16.61 0.01 4.86
N ASN A 143 -15.72 -0.73 5.52
CA ASN A 143 -14.83 -0.10 6.50
C ASN A 143 -13.79 0.75 5.83
N LEU A 144 -13.31 0.31 4.68
CA LEU A 144 -12.29 1.09 3.99
C LEU A 144 -12.90 2.42 3.55
N SER A 145 -14.16 2.38 3.09
CA SER A 145 -14.84 3.62 2.66
C SER A 145 -14.98 4.57 3.85
N ALA A 146 -15.44 4.04 4.96
CA ALA A 146 -15.66 4.86 6.18
C ALA A 146 -14.37 5.47 6.65
N VAL A 147 -13.33 4.66 6.65
CA VAL A 147 -12.00 5.13 7.02
C VAL A 147 -11.52 6.24 6.12
N LEU A 148 -11.59 6.05 4.79
CA LEU A 148 -11.06 7.05 3.90
C LEU A 148 -11.85 8.38 4.04
N LEU A 149 -13.14 8.26 4.30
CA LEU A 149 -14.00 9.41 4.40
C LEU A 149 -13.99 10.01 5.82
N GLY A 150 -13.29 9.38 6.77
CA GLY A 150 -13.15 9.99 8.11
C GLY A 150 -14.42 9.88 8.94
N ASP A 151 -15.17 8.83 8.68
CA ASP A 151 -16.52 8.69 9.23
C ASP A 151 -16.61 7.52 10.22
N ARG A 152 -16.28 7.77 11.50
CA ARG A 152 -16.26 6.69 12.48
C ARG A 152 -17.64 6.06 12.69
N SER A 153 -18.69 6.85 12.50
CA SER A 153 -20.06 6.30 12.68
C SER A 153 -20.43 5.23 11.65
N ALA A 154 -19.79 5.25 10.47
CA ALA A 154 -19.99 4.21 9.43
C ALA A 154 -19.08 2.98 9.58
N VAL A 155 -18.10 3.01 10.47
CA VAL A 155 -17.27 1.83 10.76
C VAL A 155 -18.09 0.75 11.51
N LYS A 156 -17.90 -0.52 11.12
CA LYS A 156 -18.47 -1.68 11.80
C LYS A 156 -17.34 -2.63 12.17
N GLY A 157 -17.00 -2.68 13.45
CA GLY A 157 -15.93 -3.54 13.90
C GLY A 157 -14.58 -2.89 13.72
N GLY A 158 -13.55 -3.38 14.39
CA GLY A 158 -12.21 -2.81 14.25
C GLY A 158 -11.94 -1.70 15.29
N SER A 159 -10.81 -1.03 15.17
CA SER A 159 -10.38 -0.06 16.17
C SER A 159 -11.23 1.25 16.14
N GLY A 160 -11.92 1.57 15.03
CA GLY A 160 -12.56 2.85 14.87
C GLY A 160 -11.63 3.96 14.44
N LYS A 161 -10.37 3.66 14.23
CA LYS A 161 -9.46 4.67 13.66
C LYS A 161 -9.94 5.04 12.21
N VAL A 162 -10.04 6.34 11.87
CA VAL A 162 -10.42 6.75 10.52
C VAL A 162 -9.55 7.94 10.10
N VAL A 163 -9.58 8.35 8.82
CA VAL A 163 -8.82 9.47 8.32
C VAL A 163 -9.69 10.71 8.46
N ASP A 164 -9.81 11.18 9.70
CA ASP A 164 -10.60 12.37 9.97
C ASP A 164 -9.67 13.55 9.67
N SER A 165 -9.32 13.75 8.43
CA SER A 165 -8.25 14.65 8.09
C SER A 165 -8.80 16.09 7.86
N LYS A 166 -7.88 17.04 7.74
CA LYS A 166 -8.22 18.47 7.60
C LYS A 166 -7.75 18.87 6.24
N PRO A 167 -8.23 20.05 5.72
CA PRO A 167 -7.82 20.48 4.38
C PRO A 167 -6.35 20.64 4.15
N GLU A 168 -5.60 20.95 5.21
CA GLU A 168 -4.16 21.14 5.07
C GLU A 168 -3.34 19.82 5.10
N ASP A 169 -4.01 18.69 5.29
CA ASP A 169 -3.32 17.38 5.54
C ASP A 169 -2.97 16.63 4.26
N ARG A 170 -1.89 15.84 4.29
CA ARG A 170 -1.61 14.97 3.14
C ARG A 170 -1.95 13.52 3.47
N ILE A 171 -2.32 12.74 2.44
CA ILE A 171 -2.76 11.35 2.62
C ILE A 171 -1.99 10.48 1.66
N PHE A 172 -1.52 9.34 2.18
CA PHE A 172 -0.83 8.34 1.37
C PHE A 172 -1.66 7.06 1.48
N LEU A 173 -2.00 6.49 0.34
CA LEU A 173 -2.73 5.20 0.33
C LEU A 173 -1.87 4.16 -0.39
N PHE A 174 -1.70 3.00 0.25
CA PHE A 174 -0.92 1.89 -0.34
C PHE A 174 -1.79 0.64 -0.22
N TYR A 175 -1.96 -0.05 -1.35
CA TYR A 175 -2.76 -1.28 -1.42
C TYR A 175 -1.84 -2.34 -2.06
N SER A 176 -1.86 -3.53 -1.49
CA SER A 176 -1.12 -4.63 -2.08
C SER A 176 -2.01 -5.85 -2.06
C SNN A 177 -3.17 -8.12 -4.75
CA SNN A 177 -2.96 -7.84 -3.28
N SNN A 177 -2.35 -6.53 -3.32
C4 SNN A 177 -4.33 -7.82 -2.57
C5 SNN A 177 -5.11 -8.67 -3.54
O SNN A 177 -2.35 -7.93 -5.68
O5 SNN A 177 -6.27 -9.01 -3.47
N HIS A 178 -4.48 -8.87 -4.98
CA HIS A 178 -4.82 -9.38 -6.33
CA HIS A 178 -5.01 -9.47 -6.25
C HIS A 178 -5.68 -8.32 -6.97
N GLY A 179 -5.62 -8.31 -8.28
CA GLY A 179 -6.46 -7.35 -8.99
C GLY A 179 -7.05 -8.06 -10.20
N GLY A 180 -8.05 -7.44 -10.80
CA GLY A 180 -8.62 -7.92 -12.06
C GLY A 180 -9.04 -6.66 -12.81
N PRO A 181 -9.78 -6.80 -13.94
CA PRO A 181 -10.07 -5.61 -14.75
C PRO A 181 -11.08 -4.74 -14.02
N GLY A 182 -10.61 -3.59 -13.53
CA GLY A 182 -11.47 -2.62 -12.83
C GLY A 182 -11.87 -3.11 -11.46
N VAL A 183 -11.07 -4.02 -10.88
CA VAL A 183 -11.43 -4.58 -9.59
C VAL A 183 -10.19 -4.98 -8.75
N LEU A 184 -10.28 -4.79 -7.42
CA LEU A 184 -9.21 -5.16 -6.46
C LEU A 184 -9.77 -6.17 -5.49
N GLY A 185 -8.90 -7.08 -5.04
CA GLY A 185 -9.35 -8.08 -4.09
C GLY A 185 -9.59 -7.51 -2.72
N MET A 186 -10.44 -8.21 -1.95
CA MET A 186 -10.53 -7.99 -0.51
C MET A 186 -10.62 -9.40 0.09
N PRO A 187 -10.21 -9.53 1.38
CA PRO A 187 -10.21 -10.88 1.95
C PRO A 187 -11.58 -11.29 2.48
N ASN A 188 -12.56 -10.38 2.46
CA ASN A 188 -13.94 -10.67 2.84
C ASN A 188 -14.78 -10.21 1.66
N GLU A 189 -15.95 -10.77 1.45
CA GLU A 189 -16.83 -10.27 0.36
C GLU A 189 -17.50 -8.96 0.74
N PRO A 190 -17.75 -8.04 -0.21
CA PRO A 190 -17.43 -8.19 -1.65
C PRO A 190 -16.04 -7.62 -1.93
N HIS A 191 -15.57 -7.82 -3.16
CA HIS A 191 -14.33 -7.22 -3.57
C HIS A 191 -14.55 -5.73 -3.80
N LEU A 192 -13.46 -5.03 -4.05
CA LEU A 192 -13.45 -3.58 -4.23
C LEU A 192 -13.47 -3.20 -5.73
N VAL A 193 -14.58 -2.67 -6.19
CA VAL A 193 -14.66 -2.32 -7.62
C VAL A 193 -13.99 -0.96 -7.79
N ALA A 194 -13.15 -0.82 -8.84
CA ALA A 194 -12.40 0.43 -9.01
C ALA A 194 -13.31 1.65 -9.09
N LYS A 195 -14.44 1.55 -9.80
CA LYS A 195 -15.32 2.71 -9.87
C LYS A 195 -15.79 3.13 -8.47
N ASP A 196 -16.04 2.15 -7.59
CA ASP A 196 -16.45 2.49 -6.23
C ASP A 196 -15.32 3.16 -5.43
N LEU A 197 -14.08 2.72 -5.62
CA LEU A 197 -12.98 3.35 -4.95
C LEU A 197 -12.83 4.79 -5.44
N VAL A 198 -12.91 4.98 -6.76
CA VAL A 198 -12.79 6.32 -7.32
C VAL A 198 -13.95 7.21 -6.80
N ASP A 199 -15.14 6.62 -6.67
CA ASP A 199 -16.28 7.41 -6.16
C ASP A 199 -16.02 7.84 -4.71
N VAL A 200 -15.45 6.95 -3.88
CA VAL A 200 -15.02 7.37 -2.50
C VAL A 200 -13.99 8.55 -2.59
N LEU A 201 -13.04 8.50 -3.53
CA LEU A 201 -12.02 9.56 -3.62
C LEU A 201 -12.66 10.87 -4.10
N LYS A 202 -13.58 10.75 -5.07
CA LYS A 202 -14.36 11.93 -5.51
C LYS A 202 -15.16 12.57 -4.36
N LYS A 203 -15.77 11.73 -3.54
CA LYS A 203 -16.49 12.23 -2.37
C LYS A 203 -15.57 12.90 -1.33
N LYS A 204 -14.42 12.28 -1.07
CA LYS A 204 -13.42 12.88 -0.17
C LYS A 204 -12.99 14.25 -0.69
N HIS A 205 -12.72 14.34 -1.99
CA HIS A 205 -12.39 15.62 -2.63
C HIS A 205 -13.55 16.67 -2.43
N ALA A 206 -14.80 16.21 -2.61
CA ALA A 206 -15.98 17.08 -2.47
C ALA A 206 -16.03 17.55 -1.02
N MET A 207 -15.65 16.69 -0.08
CA MET A 207 -15.65 17.07 1.35
C MET A 207 -14.57 18.11 1.71
N GLY A 208 -13.54 18.19 0.90
CA GLY A 208 -12.49 19.17 1.04
C GLY A 208 -11.48 18.83 2.14
N THR A 209 -11.31 17.55 2.47
CA THR A 209 -10.61 17.23 3.71
C THR A 209 -9.18 16.72 3.49
N TYR A 210 -8.50 17.15 2.44
CA TYR A 210 -7.07 16.87 2.32
C TYR A 210 -6.52 17.85 1.35
N LYS A 211 -5.22 18.00 1.36
CA LYS A 211 -4.53 18.90 0.49
C LYS A 211 -4.15 18.19 -0.76
N GLU A 212 -3.43 17.06 -0.64
CA GLU A 212 -2.98 16.28 -1.81
C GLU A 212 -2.90 14.85 -1.28
N MET A 213 -2.93 13.91 -2.21
CA MET A 213 -2.94 12.49 -1.84
C MET A 213 -2.11 11.75 -2.89
N VAL A 214 -1.38 10.73 -2.44
CA VAL A 214 -0.56 9.91 -3.34
C VAL A 214 -1.03 8.49 -3.08
N ILE A 215 -1.19 7.72 -4.16
CA ILE A 215 -1.70 6.32 -4.05
C ILE A 215 -0.73 5.44 -4.75
N TYR A 216 -0.24 4.39 -4.06
CA TYR A 216 0.67 3.42 -4.66
C TYR A 216 -0.14 2.09 -4.65
N LEU A 217 -0.32 1.48 -5.82
N LEU A 217 -0.21 1.43 -5.79
CA LEU A 217 -1.12 0.25 -5.98
CA LEU A 217 -1.13 0.28 -5.91
C LEU A 217 -0.26 -0.89 -6.51
C LEU A 217 -0.42 -0.91 -6.55
N GLU A 218 -0.27 -1.98 -5.77
CA GLU A 218 0.34 -3.24 -6.18
C GLU A 218 -0.77 -4.28 -6.42
N ALA A 219 -0.99 -4.63 -7.70
CA ALA A 219 -1.94 -5.69 -8.08
C ALA A 219 -1.71 -5.97 -9.58
N CYS A 220 -2.05 -7.18 -10.05
N CYS A 220 -2.05 -7.16 -10.06
CA CYS A 220 -2.18 -7.41 -11.50
CA CYS A 220 -2.07 -7.36 -11.52
C CYS A 220 -3.25 -6.49 -12.10
C CYS A 220 -3.24 -6.56 -12.12
N GLU A 221 -3.05 -6.08 -13.35
CA GLU A 221 -4.04 -5.20 -14.07
C GLU A 221 -4.35 -3.91 -13.30
N SER A 222 -3.40 -3.46 -12.45
CA SER A 222 -3.65 -2.35 -11.51
C SER A 222 -3.83 -1.02 -12.23
N GLY A 223 -3.28 -0.85 -13.43
CA GLY A 223 -3.62 0.37 -14.18
C GLY A 223 -5.14 0.52 -14.42
N SER A 224 -5.84 -0.60 -14.48
CA SER A 224 -7.26 -0.62 -14.80
C SER A 224 -8.08 -0.07 -13.63
N ILE A 225 -7.42 0.09 -12.49
CA ILE A 225 -8.12 0.71 -11.38
C ILE A 225 -8.36 2.22 -11.66
N PHE A 226 -7.48 2.84 -12.43
CA PHE A 226 -7.56 4.28 -12.60
C PHE A 226 -7.74 4.71 -14.04
N GLU A 227 -7.32 3.87 -15.01
CA GLU A 227 -7.35 4.29 -16.45
C GLU A 227 -8.78 4.62 -16.90
N GLY A 228 -8.93 5.81 -17.41
CA GLY A 228 -10.24 6.20 -17.87
C GLY A 228 -11.21 6.64 -16.81
N ILE A 229 -10.92 6.46 -15.50
CA ILE A 229 -11.92 6.81 -14.49
C ILE A 229 -11.42 7.77 -13.40
N LEU A 230 -10.12 7.80 -13.13
CA LEU A 230 -9.59 8.74 -12.10
C LEU A 230 -9.41 10.11 -12.77
N PRO A 231 -10.16 11.12 -12.34
CA PRO A 231 -9.97 12.45 -12.92
C PRO A 231 -8.57 12.98 -12.55
N GLU A 232 -8.06 13.94 -13.33
CA GLU A 232 -6.73 14.52 -13.09
C GLU A 232 -6.71 15.75 -12.21
N ASP A 233 -7.89 16.15 -11.75
CA ASP A 233 -8.01 17.41 -11.02
C ASP A 233 -8.45 17.22 -9.58
N LEU A 234 -8.20 16.05 -9.00
CA LEU A 234 -8.54 15.84 -7.59
C LEU A 234 -7.33 16.02 -6.61
N ASN A 235 -6.19 16.51 -7.11
CA ASN A 235 -4.93 16.59 -6.33
C ASN A 235 -4.62 15.16 -5.79
N ILE A 236 -4.78 14.17 -6.68
CA ILE A 236 -4.43 12.77 -6.32
C ILE A 236 -3.51 12.30 -7.41
N TYR A 237 -2.31 11.84 -7.04
CA TYR A 237 -1.38 11.31 -8.03
C TYR A 237 -1.30 9.80 -7.66
N ALA A 238 -1.35 8.90 -8.65
CA ALA A 238 -1.37 7.45 -8.32
C ALA A 238 -0.44 6.74 -9.26
N THR A 239 0.29 5.76 -8.74
CA THR A 239 1.06 4.91 -9.63
C THR A 239 0.65 3.47 -9.36
N THR A 240 0.91 2.61 -10.30
CA THR A 240 0.41 1.25 -10.21
C THR A 240 1.52 0.31 -10.69
N ALA A 241 1.55 -0.93 -10.18
CA ALA A 241 2.62 -1.87 -10.51
C ALA A 241 2.61 -2.32 -11.97
N SER A 242 1.44 -2.26 -12.60
CA SER A 242 1.32 -2.81 -13.94
C SER A 242 0.32 -2.00 -14.77
N GLY A 243 0.34 -2.26 -16.07
CA GLY A 243 -0.65 -1.70 -17.01
C GLY A 243 -2.04 -2.30 -16.80
N ALA A 244 -3.03 -1.64 -17.39
CA ALA A 244 -4.45 -2.03 -17.34
C ALA A 244 -4.78 -3.49 -17.76
N GLN A 245 -4.03 -4.05 -18.70
CA GLN A 245 -4.29 -5.47 -19.07
C GLN A 245 -3.09 -6.42 -18.83
N GLU A 246 -2.25 -6.09 -17.85
CA GLU A 246 -0.98 -6.76 -17.61
C GLU A 246 -0.86 -7.33 -16.18
N ASN A 247 -0.18 -8.49 -16.00
CA ASN A 247 0.10 -9.10 -14.64
C ASN A 247 1.24 -8.40 -13.85
N SER A 248 1.15 -8.36 -12.50
CA SER A 248 2.28 -7.85 -11.68
C SER A 248 2.93 -9.01 -10.91
N TYR A 249 4.14 -8.84 -10.37
CA TYR A 249 4.97 -9.99 -9.92
C TYR A 249 5.44 -9.96 -8.45
N GLY A 250 5.45 -11.15 -7.80
CA GLY A 250 6.17 -11.30 -6.53
C GLY A 250 7.68 -11.09 -6.70
N THR A 251 8.36 -10.87 -5.57
CA THR A 251 9.84 -10.92 -5.60
C THR A 251 10.26 -11.64 -4.34
N TYR A 252 11.55 -12.00 -4.27
CA TYR A 252 12.07 -12.84 -3.18
C TYR A 252 11.28 -14.14 -3.12
N CYS A 253 11.24 -14.84 -4.26
CA CYS A 253 10.41 -16.02 -4.45
C CYS A 253 11.30 -17.28 -4.51
N PRO A 254 10.79 -18.42 -4.00
CA PRO A 254 11.57 -19.69 -4.09
C PRO A 254 11.90 -19.96 -5.55
N GLY A 255 13.15 -20.32 -5.83
CA GLY A 255 13.51 -20.72 -7.20
C GLY A 255 14.04 -19.63 -8.12
N THR A 256 14.01 -18.38 -7.70
CA THR A 256 14.61 -17.30 -8.49
C THR A 256 15.39 -16.41 -7.56
N GLU A 257 16.68 -16.29 -7.83
CA GLU A 257 17.55 -15.41 -7.07
C GLU A 257 17.23 -13.93 -7.35
N PRO A 258 17.32 -13.03 -6.34
CA PRO A 258 17.59 -13.38 -4.90
C PRO A 258 16.38 -14.09 -4.25
N SER A 259 16.63 -15.27 -3.69
CA SER A 259 15.52 -16.10 -3.21
C SER A 259 15.41 -16.00 -1.68
N PRO A 260 14.25 -16.39 -1.14
CA PRO A 260 14.11 -16.25 0.31
C PRO A 260 14.88 -17.41 1.01
N PRO A 261 15.02 -17.39 2.35
CA PRO A 261 15.57 -18.56 3.09
C PRO A 261 14.74 -19.83 2.81
N PRO A 262 15.34 -21.03 2.93
CA PRO A 262 14.66 -22.26 2.46
C PRO A 262 13.45 -22.64 3.26
N GLU A 263 13.29 -22.09 4.47
CA GLU A 263 12.07 -22.38 5.24
C GLU A 263 10.80 -21.75 4.62
N TYR A 264 10.99 -20.82 3.66
CA TYR A 264 9.84 -20.09 3.04
C TYR A 264 9.51 -20.75 1.73
N ILE A 265 8.26 -21.20 1.59
CA ILE A 265 7.78 -21.76 0.32
C ILE A 265 6.90 -20.77 -0.44
N THR A 266 6.95 -19.49 -0.08
CA THR A 266 6.11 -18.46 -0.72
C THR A 266 6.97 -17.19 -0.87
N CYS A 267 6.62 -16.29 -1.79
CA CYS A 267 7.41 -15.04 -1.99
C CYS A 267 7.24 -14.16 -0.74
N LEU A 268 8.29 -13.41 -0.40
CA LEU A 268 8.27 -12.57 0.76
C LEU A 268 7.68 -11.21 0.45
N GLY A 269 7.65 -10.84 -0.82
CA GLY A 269 7.23 -9.46 -1.15
C GLY A 269 6.78 -9.38 -2.59
N ASP A 270 6.41 -8.15 -3.01
CA ASP A 270 6.03 -7.86 -4.38
C ASP A 270 6.98 -6.80 -4.93
N LEU A 271 7.40 -7.00 -6.17
CA LEU A 271 8.54 -6.23 -6.69
C LEU A 271 8.31 -4.69 -6.66
N TYR A 272 7.15 -4.26 -7.13
CA TYR A 272 6.89 -2.82 -7.19
C TYR A 272 6.84 -2.28 -5.75
N SER A 273 6.28 -3.07 -4.82
CA SER A 273 6.14 -2.59 -3.44
C SER A 273 7.52 -2.48 -2.74
N VAL A 274 8.29 -3.56 -2.81
CA VAL A 274 9.61 -3.48 -2.16
C VAL A 274 10.45 -2.42 -2.90
N ALA A 275 10.19 -2.19 -4.20
CA ALA A 275 11.00 -1.15 -4.90
C ALA A 275 10.83 0.20 -4.23
N TRP A 276 9.59 0.65 -4.04
CA TRP A 276 9.43 1.95 -3.37
C TRP A 276 9.85 1.96 -1.90
N MET A 277 9.60 0.85 -1.18
CA MET A 277 9.92 0.83 0.22
C MET A 277 11.40 0.80 0.46
N GLU A 278 12.11 -0.05 -0.29
CA GLU A 278 13.56 -0.16 -0.07
C GLU A 278 14.25 1.12 -0.54
N ASP A 279 13.70 1.78 -1.56
CA ASP A 279 14.20 3.08 -2.02
C ASP A 279 13.97 4.12 -0.93
N SER A 280 12.75 4.19 -0.37
CA SER A 280 12.41 5.16 0.67
C SER A 280 13.25 5.06 1.94
N GLU A 281 13.49 3.82 2.41
CA GLU A 281 14.19 3.67 3.69
C GLU A 281 15.72 3.86 3.52
N THR A 282 16.21 4.04 2.29
CA THR A 282 17.66 4.21 2.09
C THR A 282 18.03 5.58 1.46
N HIS A 283 17.07 6.47 1.29
CA HIS A 283 17.35 7.78 0.70
C HIS A 283 16.80 8.88 1.57
N ASN A 284 17.40 10.07 1.43
CA ASN A 284 16.98 11.25 2.14
C ASN A 284 15.72 11.76 1.40
N LEU A 285 14.56 11.67 2.04
CA LEU A 285 13.31 11.91 1.32
C LEU A 285 12.99 13.41 1.27
N LYS A 286 13.79 14.21 1.97
CA LYS A 286 13.77 15.67 1.76
C LYS A 286 14.39 16.06 0.43
N LYS A 287 15.21 15.19 -0.15
CA LYS A 287 15.90 15.50 -1.41
C LYS A 287 15.36 14.77 -2.62
N GLU A 288 14.58 13.71 -2.40
CA GLU A 288 14.06 12.92 -3.51
C GLU A 288 12.63 13.34 -3.85
N SER A 289 12.33 13.47 -5.14
CA SER A 289 10.99 13.89 -5.57
C SER A 289 10.16 12.62 -5.84
N LEU A 290 8.84 12.79 -5.93
CA LEU A 290 7.95 11.66 -6.32
C LEU A 290 8.30 11.19 -7.71
N GLU A 291 8.69 12.15 -8.58
CA GLU A 291 9.13 11.78 -9.91
C GLU A 291 10.35 10.91 -9.91
N GLN A 292 11.37 11.26 -9.12
CA GLN A 292 12.56 10.40 -9.05
C GLN A 292 12.21 8.99 -8.51
N GLN A 293 11.36 8.96 -7.49
CA GLN A 293 10.94 7.64 -6.94
C GLN A 293 10.23 6.79 -7.99
N PHE A 294 9.28 7.40 -8.69
CA PHE A 294 8.55 6.72 -9.77
C PHE A 294 9.52 6.18 -10.81
N ASN A 295 10.50 7.01 -11.24
CA ASN A 295 11.45 6.52 -12.24
C ASN A 295 12.26 5.31 -11.74
N LYS A 296 12.71 5.37 -10.50
CA LYS A 296 13.47 4.25 -9.91
C LYS A 296 12.62 2.98 -9.76
N VAL A 297 11.37 3.18 -9.34
CA VAL A 297 10.43 2.06 -9.13
C VAL A 297 10.10 1.47 -10.48
N LYS A 298 9.88 2.35 -11.48
CA LYS A 298 9.58 1.85 -12.82
C LYS A 298 10.72 0.98 -13.36
N LYS A 299 11.94 1.46 -13.17
CA LYS A 299 13.13 0.79 -13.67
C LYS A 299 13.28 -0.57 -12.94
N ARG A 300 13.22 -0.58 -11.62
CA ARG A 300 13.40 -1.85 -10.87
C ARG A 300 12.31 -2.88 -11.24
N THR A 301 11.06 -2.41 -11.36
CA THR A 301 9.90 -3.30 -11.61
C THR A 301 9.90 -3.88 -13.05
N SER A 302 10.51 -3.18 -14.00
CA SER A 302 10.61 -3.69 -15.39
C SER A 302 11.58 -4.90 -15.47
N ASN A 303 12.49 -4.99 -14.49
CA ASN A 303 13.28 -6.21 -14.21
C ASN A 303 14.04 -6.81 -15.41
N GLY A 310 9.34 -8.20 -16.51
CA GLY A 310 8.77 -7.45 -15.41
C GLY A 310 7.37 -6.97 -15.79
N SER A 311 6.87 -5.91 -15.14
CA SER A 311 5.64 -5.26 -15.60
C SER A 311 5.95 -3.78 -15.75
N HIS A 312 4.97 -3.06 -16.34
CA HIS A 312 5.14 -1.64 -16.68
C HIS A 312 4.36 -0.79 -15.67
N VAL A 313 5.10 -0.03 -14.88
CA VAL A 313 4.54 0.83 -13.85
C VAL A 313 3.90 2.02 -14.54
N MET A 314 2.69 2.37 -14.13
CA MET A 314 1.89 3.41 -14.82
C MET A 314 1.59 4.50 -13.83
N GLU A 315 1.25 5.70 -14.31
CA GLU A 315 0.92 6.79 -13.39
C GLU A 315 -0.40 7.41 -13.86
N TYR A 316 -1.17 7.98 -12.92
CA TYR A 316 -2.54 8.51 -13.19
C TYR A 316 -2.73 9.73 -12.32
N GLY A 317 -3.70 10.58 -12.69
CA GLY A 317 -4.08 11.66 -11.83
C GLY A 317 -3.27 12.93 -12.04
N SER A 318 -3.05 13.65 -10.96
CA SER A 318 -2.48 15.00 -11.00
C SER A 318 -0.98 14.95 -11.12
N LYS A 319 -0.49 15.05 -12.33
CA LYS A 319 0.94 14.89 -12.51
C LYS A 319 1.75 16.10 -12.01
N ASP A 320 1.07 17.22 -11.73
CA ASP A 320 1.67 18.39 -11.04
C ASP A 320 2.26 18.07 -9.67
N ILE A 321 1.84 16.95 -9.07
CA ILE A 321 2.35 16.52 -7.76
C ILE A 321 3.76 15.93 -7.89
N LYS A 322 4.12 15.39 -9.06
CA LYS A 322 5.39 14.69 -9.22
C LYS A 322 6.69 15.37 -8.71
N PRO A 323 6.86 16.71 -8.92
CA PRO A 323 8.10 17.37 -8.45
C PRO A 323 8.16 17.51 -6.93
N GLU A 324 7.07 17.22 -6.23
CA GLU A 324 7.11 17.33 -4.77
C GLU A 324 8.06 16.31 -4.14
N LYS A 325 8.62 16.73 -3.01
CA LYS A 325 9.56 15.88 -2.26
C LYS A 325 8.73 14.80 -1.57
N VAL A 326 9.27 13.58 -1.63
CA VAL A 326 8.60 12.42 -1.05
C VAL A 326 8.29 12.55 0.43
N TYR A 327 9.16 13.20 1.21
CA TYR A 327 8.95 13.34 2.66
C TYR A 327 7.65 14.01 3.03
N LEU A 328 7.06 14.75 2.08
CA LEU A 328 5.76 15.40 2.38
C LEU A 328 4.65 14.36 2.63
N TYR A 329 4.87 13.15 2.12
CA TYR A 329 3.88 12.02 2.26
C TYR A 329 4.35 10.90 3.17
N LEU A 330 5.64 10.57 3.09
CA LEU A 330 6.21 9.39 3.79
C LEU A 330 7.05 9.77 4.99
N GLY A 331 7.25 11.09 5.19
CA GLY A 331 8.12 11.57 6.28
C GLY A 331 9.59 11.41 5.95
N PHE A 332 10.42 11.73 6.94
CA PHE A 332 11.86 11.86 6.72
C PHE A 332 12.49 11.14 7.90
N ASP A 333 13.44 10.28 7.59
CA ASP A 333 14.23 9.58 8.61
C ASP A 333 15.58 10.27 8.80
N PRO A 334 15.81 10.90 9.98
CA PRO A 334 17.12 11.59 10.23
C PRO A 334 18.35 10.72 9.91
N ALA A 335 18.26 9.42 10.17
CA ALA A 335 19.34 8.47 9.84
C ALA A 335 19.74 8.44 8.34
N THR A 336 18.89 8.93 7.45
CA THR A 336 19.20 8.86 5.98
C THR A 336 20.07 10.04 5.48
N VAL A 337 20.38 10.99 6.37
CA VAL A 337 21.44 11.98 6.11
C VAL A 337 22.78 11.33 6.43
N ALA B 1 5.06 -16.08 -9.05
CA ALA B 1 3.73 -15.76 -8.51
C ALA B 1 3.28 -14.40 -9.11
N ALA B 2 2.04 -14.48 -9.65
CA ALA B 2 1.28 -13.39 -10.27
C ALA B 2 0.36 -12.79 -9.20
CB CE7 B 3 -0.34 -9.54 -7.97
ND2 CE7 B 3 1.90 -9.30 -7.34
CA CE7 B 3 -0.94 -10.80 -8.58
O CE7 B 3 -2.96 -9.50 -8.90
C CE7 B 3 -2.11 -10.48 -9.53
O1 CE7 B 3 -2.93 -11.64 -9.48
CG CE7 B 3 0.76 -9.89 -7.04
OD1 CE7 B 3 0.56 -10.63 -6.09
N CE7 B 3 0.02 -11.51 -9.42
C1 GOL C . 12.56 -4.00 7.25
O1 GOL C . 11.94 -2.81 7.80
C2 GOL C . 14.08 -3.84 7.17
O2 GOL C . 14.57 -5.15 6.81
C3 GOL C . 14.38 -2.84 6.03
O3 GOL C . 13.98 -3.39 4.72
C1 GOL D . -9.58 -18.96 6.36
O1 GOL D . -8.94 -17.71 6.62
C2 GOL D . -10.66 -19.00 7.42
O2 GOL D . -11.45 -17.78 7.38
C3 GOL D . -11.50 -20.23 7.10
O3 GOL D . -12.85 -19.86 7.21
C1 GOL E . -11.37 -9.82 -7.18
O1 GOL E . -12.58 -10.44 -6.74
C2 GOL E . -10.44 -10.98 -7.44
O2 GOL E . -10.99 -11.69 -8.56
C3 GOL E . -9.06 -10.46 -7.78
O3 GOL E . -9.07 -9.99 -9.13
#